data_2PNS
#
_entry.id   2PNS
#
_cell.length_a   43.729
_cell.length_b   82.691
_cell.length_c   133.048
_cell.angle_alpha   90.00
_cell.angle_beta   90.00
_cell.angle_gamma   90.00
#
_symmetry.space_group_name_H-M   'P 21 21 21'
#
loop_
_entity.id
_entity.type
_entity.pdbx_description
1 polymer 'Ervatamin-C, a papain-like plant cysteine protease'
2 non-polymer 'PHOSPHATE ION'
3 non-polymer THIOSULFATE
4 water water
#
_entity_poly.entity_id   1
_entity_poly.type   'polypeptide(L)'
_entity_poly.pdbx_seq_one_letter_code
;LPEQIDWRKKGAVTPVKNQGKCGSCWAFSTVSTVESINQIRTGNLISLSEQQLVDCNKKNHGCKGGAFVYAYQYIIDNGG
IDTEANYPYKAVQGPCRAAKKVVRIDGYKGVPHCNENALKKAVASQPSVVAIDASSKQFQHYKSGIFSGPCGTKLNHGVV
IVGYWKDYWIVRNSWGRYWGEQGYIRMKRVGGCGLCGIARLPYYPTKA
;
_entity_poly.pdbx_strand_id   A,B
#
# COMPACT_ATOMS: atom_id res chain seq x y z
N LEU A 1 -1.25 15.64 -22.57
CA LEU A 1 -0.70 14.92 -21.40
C LEU A 1 -0.59 15.83 -20.19
N PRO A 2 -0.78 15.29 -18.99
CA PRO A 2 -0.68 16.09 -17.76
C PRO A 2 0.73 16.65 -17.65
N GLU A 3 0.86 17.86 -17.10
CA GLU A 3 2.18 18.46 -16.92
C GLU A 3 2.91 17.71 -15.82
N GLN A 4 2.14 17.13 -14.90
CA GLN A 4 2.72 16.37 -13.81
C GLN A 4 1.75 15.28 -13.39
N ILE A 5 2.30 14.18 -12.88
CA ILE A 5 1.48 13.08 -12.42
C ILE A 5 2.30 12.31 -11.39
N ASP A 6 1.61 11.78 -10.40
CA ASP A 6 2.27 11.02 -9.34
C ASP A 6 1.31 9.86 -9.02
N TRP A 7 1.66 8.66 -9.46
CA TRP A 7 0.79 7.52 -9.23
C TRP A 7 0.64 7.15 -7.76
N ARG A 8 1.55 7.63 -6.91
CA ARG A 8 1.44 7.36 -5.48
C ARG A 8 0.21 8.08 -4.94
N LYS A 9 -0.06 9.26 -5.51
CA LYS A 9 -1.19 10.06 -5.08
C LYS A 9 -2.52 9.59 -5.68
N LYS A 10 -2.46 8.57 -6.52
CA LYS A 10 -3.66 8.03 -7.15
C LYS A 10 -4.01 6.65 -6.60
N GLY A 11 -3.27 6.23 -5.57
CA GLY A 11 -3.52 4.95 -4.93
C GLY A 11 -3.07 3.71 -5.67
N ALA A 12 -2.20 3.88 -6.65
CA ALA A 12 -1.71 2.75 -7.45
C ALA A 12 -0.36 2.18 -7.04
N VAL A 13 0.23 2.69 -5.96
CA VAL A 13 1.54 2.23 -5.53
C VAL A 13 1.60 1.78 -4.07
N THR A 14 2.15 0.58 -3.86
CA THR A 14 2.29 0.03 -2.50
C THR A 14 3.47 0.66 -1.77
N PRO A 15 3.53 0.49 -0.44
CA PRO A 15 4.63 1.05 0.34
C PRO A 15 5.97 0.55 -0.18
N VAL A 16 7.01 1.37 -0.02
CA VAL A 16 8.36 1.06 -0.44
C VAL A 16 8.84 -0.25 0.17
N LYS A 17 9.56 -1.05 -0.61
CA LYS A 17 10.08 -2.34 -0.17
C LYS A 17 11.61 -2.32 -0.12
N ASN A 18 12.21 -3.39 0.41
CA ASN A 18 13.66 -3.48 0.52
C ASN A 18 14.16 -4.84 0.04
N GLN A 19 14.99 -4.84 -0.99
CA GLN A 19 15.51 -6.08 -1.53
C GLN A 19 16.62 -6.68 -0.66
N GLY A 20 17.16 -5.87 0.25
CA GLY A 20 18.21 -6.36 1.12
C GLY A 20 19.51 -6.67 0.39
N LYS A 21 20.25 -7.65 0.88
CA LYS A 21 21.53 -8.05 0.28
C LYS A 21 21.34 -9.12 -0.78
N CYS A 22 20.38 -8.90 -1.66
CA CYS A 22 20.09 -9.84 -2.74
C CYS A 22 19.86 -9.05 -4.03
N GLY A 23 20.56 -9.46 -5.07
CA GLY A 23 20.45 -8.81 -6.36
C GLY A 23 19.16 -9.13 -7.08
N SER A 24 18.03 -8.76 -6.48
CA SER A 24 16.72 -9.03 -7.08
C SER A 24 15.96 -7.79 -7.50
N CYS A 25 16.67 -6.73 -7.86
CA CYS A 25 15.96 -5.54 -8.27
C CYS A 25 15.15 -5.72 -9.53
N TRP A 26 15.55 -6.68 -10.34
CA TRP A 26 14.84 -6.98 -11.56
C TRP A 26 13.45 -7.46 -11.21
N ALA A 27 13.34 -8.11 -10.05
CA ALA A 27 12.05 -8.64 -9.58
C ALA A 27 11.20 -7.57 -8.89
N PHE A 28 11.83 -6.78 -8.02
CA PHE A 28 11.08 -5.73 -7.33
C PHE A 28 10.52 -4.69 -8.28
N SER A 29 11.30 -4.28 -9.26
CA SER A 29 10.86 -3.28 -10.21
C SER A 29 9.71 -3.81 -11.07
N THR A 30 9.89 -5.00 -11.63
N THR A 30 9.89 -5.00 -11.63
CA THR A 30 8.87 -5.61 -12.48
CA THR A 30 8.87 -5.61 -12.48
C THR A 30 7.57 -5.84 -11.72
C THR A 30 7.57 -5.84 -11.72
N VAL A 31 7.66 -6.42 -10.52
CA VAL A 31 6.47 -6.69 -9.71
C VAL A 31 5.73 -5.40 -9.36
N SER A 32 6.49 -4.35 -9.09
CA SER A 32 5.87 -3.08 -8.74
C SER A 32 4.93 -2.60 -9.84
N THR A 33 5.38 -2.68 -11.09
CA THR A 33 4.54 -2.25 -12.21
C THR A 33 3.30 -3.13 -12.37
N VAL A 34 3.39 -4.38 -11.94
CA VAL A 34 2.24 -5.28 -12.05
C VAL A 34 1.22 -4.94 -10.96
N GLU A 35 1.70 -4.60 -9.77
CA GLU A 35 0.80 -4.23 -8.68
C GLU A 35 0.04 -2.99 -9.13
N SER A 36 0.77 -2.06 -9.74
CA SER A 36 0.16 -0.81 -10.20
C SER A 36 -0.86 -0.96 -11.32
N ILE A 37 -0.52 -1.70 -12.37
CA ILE A 37 -1.48 -1.86 -13.48
C ILE A 37 -2.74 -2.59 -13.00
N ASN A 38 -2.57 -3.49 -12.03
CA ASN A 38 -3.72 -4.20 -11.51
C ASN A 38 -4.66 -3.25 -10.78
N GLN A 39 -4.08 -2.32 -10.01
CA GLN A 39 -4.91 -1.35 -9.28
C GLN A 39 -5.59 -0.39 -10.24
N ILE A 40 -4.86 0.03 -11.28
CA ILE A 40 -5.40 0.96 -12.27
C ILE A 40 -6.58 0.35 -13.04
N ARG A 41 -6.48 -0.93 -13.35
CA ARG A 41 -7.52 -1.63 -14.10
C ARG A 41 -8.68 -2.19 -13.28
N THR A 42 -8.39 -2.65 -12.06
CA THR A 42 -9.42 -3.24 -11.21
C THR A 42 -9.80 -2.42 -9.98
N GLY A 43 -8.94 -1.49 -9.59
CA GLY A 43 -9.20 -0.67 -8.42
C GLY A 43 -8.72 -1.32 -7.14
N ASN A 44 -8.11 -2.49 -7.25
CA ASN A 44 -7.61 -3.19 -6.08
C ASN A 44 -6.09 -3.13 -5.94
N LEU A 45 -5.62 -2.58 -4.82
CA LEU A 45 -4.20 -2.47 -4.55
C LEU A 45 -3.76 -3.69 -3.75
N ILE A 46 -2.88 -4.50 -4.34
CA ILE A 46 -2.40 -5.71 -3.70
C ILE A 46 -0.88 -5.78 -3.77
N SER A 47 -0.24 -6.19 -2.68
CA SER A 47 1.22 -6.31 -2.67
C SER A 47 1.55 -7.73 -3.15
N LEU A 48 2.37 -7.82 -4.19
CA LEU A 48 2.72 -9.11 -4.77
C LEU A 48 4.08 -9.66 -4.38
N SER A 49 4.32 -10.92 -4.72
CA SER A 49 5.55 -11.60 -4.35
C SER A 49 6.75 -11.50 -5.28
N GLU A 50 7.83 -10.90 -4.77
CA GLU A 50 9.07 -10.81 -5.53
C GLU A 50 9.79 -12.14 -5.33
N GLN A 51 9.66 -12.71 -4.13
CA GLN A 51 10.31 -13.97 -3.80
C GLN A 51 9.93 -15.09 -4.76
N GLN A 52 8.69 -15.07 -5.23
CA GLN A 52 8.22 -16.08 -6.17
C GLN A 52 9.09 -16.04 -7.43
N LEU A 53 9.36 -14.83 -7.93
CA LEU A 53 10.18 -14.70 -9.13
C LEU A 53 11.61 -15.15 -8.84
N VAL A 54 12.15 -14.73 -7.71
CA VAL A 54 13.51 -15.09 -7.34
C VAL A 54 13.70 -16.61 -7.31
N ASP A 55 12.69 -17.32 -6.81
CA ASP A 55 12.76 -18.78 -6.71
C ASP A 55 12.37 -19.54 -7.97
N CYS A 56 11.31 -19.09 -8.64
CA CYS A 56 10.78 -19.79 -9.80
C CYS A 56 11.10 -19.31 -11.21
N ASN A 57 11.50 -18.04 -11.35
CA ASN A 57 11.81 -17.50 -12.67
C ASN A 57 13.20 -17.99 -13.09
N LYS A 58 13.24 -19.22 -13.58
CA LYS A 58 14.47 -19.89 -14.01
C LYS A 58 15.31 -19.22 -15.11
N LYS A 59 14.66 -18.50 -16.02
CA LYS A 59 15.42 -17.82 -17.07
C LYS A 59 16.31 -16.74 -16.43
N ASN A 60 15.92 -16.27 -15.25
CA ASN A 60 16.69 -15.27 -14.54
C ASN A 60 17.60 -15.91 -13.48
N HIS A 61 18.41 -15.11 -12.78
CA HIS A 61 19.35 -15.66 -11.82
C HIS A 61 19.23 -15.29 -10.35
N GLY A 62 18.01 -15.42 -9.79
CA GLY A 62 17.81 -15.13 -8.40
C GLY A 62 18.45 -13.85 -7.90
N CYS A 63 19.29 -13.98 -6.86
CA CYS A 63 19.98 -12.82 -6.29
C CYS A 63 21.17 -12.37 -7.13
N LYS A 64 21.40 -13.04 -8.24
CA LYS A 64 22.54 -12.71 -9.10
C LYS A 64 22.16 -11.82 -10.28
N GLY A 65 20.87 -11.51 -10.41
CA GLY A 65 20.45 -10.64 -11.50
C GLY A 65 19.40 -11.25 -12.41
N GLY A 66 18.89 -10.43 -13.33
CA GLY A 66 17.88 -10.90 -14.26
C GLY A 66 17.45 -9.81 -15.23
N ALA A 67 16.56 -10.15 -16.16
CA ALA A 67 16.08 -9.19 -17.14
C ALA A 67 14.57 -8.99 -17.03
N PHE A 68 14.12 -7.77 -17.32
CA PHE A 68 12.70 -7.42 -17.26
C PHE A 68 11.85 -8.37 -18.11
N VAL A 69 12.25 -8.52 -19.37
CA VAL A 69 11.51 -9.36 -20.31
C VAL A 69 11.21 -10.78 -19.78
N TYR A 70 12.20 -11.46 -19.21
CA TYR A 70 11.94 -12.81 -18.72
C TYR A 70 11.05 -12.82 -17.49
N ALA A 71 11.10 -11.74 -16.72
CA ALA A 71 10.27 -11.64 -15.51
C ALA A 71 8.80 -11.52 -15.90
N TYR A 72 8.50 -10.59 -16.81
CA TYR A 72 7.14 -10.41 -17.28
C TYR A 72 6.64 -11.67 -17.98
N GLN A 73 7.52 -12.29 -18.76
CA GLN A 73 7.15 -13.50 -19.48
C GLN A 73 6.82 -14.62 -18.52
N TYR A 74 7.60 -14.75 -17.46
CA TYR A 74 7.34 -15.78 -16.46
C TYR A 74 5.95 -15.59 -15.88
N ILE A 75 5.64 -14.37 -15.46
CA ILE A 75 4.34 -14.07 -14.89
C ILE A 75 3.20 -14.46 -15.83
N ILE A 76 3.38 -14.16 -17.11
CA ILE A 76 2.39 -14.48 -18.13
C ILE A 76 2.26 -16.00 -18.31
N ASP A 77 3.37 -16.66 -18.62
CA ASP A 77 3.35 -18.10 -18.83
C ASP A 77 2.83 -18.86 -17.61
N ASN A 78 3.25 -18.45 -16.42
CA ASN A 78 2.82 -19.11 -15.20
C ASN A 78 1.34 -18.91 -14.90
N GLY A 79 0.72 -17.94 -15.57
CA GLY A 79 -0.69 -17.68 -15.35
C GLY A 79 -1.01 -16.76 -14.17
N GLY A 80 0.01 -16.11 -13.63
CA GLY A 80 -0.22 -15.21 -12.51
C GLY A 80 0.85 -15.27 -11.43
N ILE A 81 0.75 -14.32 -10.49
CA ILE A 81 1.72 -14.24 -9.40
C ILE A 81 0.97 -14.22 -8.06
N ASP A 82 1.62 -14.71 -7.01
CA ASP A 82 1.01 -14.75 -5.67
C ASP A 82 1.29 -13.46 -4.90
N THR A 83 0.67 -13.33 -3.73
CA THR A 83 0.83 -12.14 -2.90
C THR A 83 2.06 -12.22 -2.01
N GLU A 84 2.48 -11.05 -1.52
CA GLU A 84 3.63 -10.96 -0.64
C GLU A 84 3.36 -11.78 0.63
N ALA A 85 2.13 -11.71 1.11
CA ALA A 85 1.72 -12.42 2.32
C ALA A 85 1.84 -13.94 2.22
N ASN A 86 1.41 -14.49 1.08
CA ASN A 86 1.46 -15.93 0.86
C ASN A 86 2.85 -16.46 0.50
N TYR A 87 3.68 -15.62 -0.07
CA TYR A 87 5.02 -16.03 -0.48
C TYR A 87 5.97 -14.89 -0.14
N PRO A 88 6.28 -14.73 1.16
CA PRO A 88 7.17 -13.70 1.72
C PRO A 88 8.61 -13.69 1.21
N TYR A 89 9.20 -12.51 1.23
CA TYR A 89 10.57 -12.29 0.77
C TYR A 89 11.58 -12.72 1.83
N LYS A 90 12.63 -13.42 1.37
CA LYS A 90 13.67 -13.92 2.26
C LYS A 90 15.06 -13.36 1.94
N ALA A 91 15.17 -12.68 0.81
CA ALA A 91 16.45 -12.09 0.38
C ALA A 91 17.47 -13.17 0.04
N VAL A 92 16.99 -14.37 -0.27
CA VAL A 92 17.84 -15.49 -0.63
C VAL A 92 17.02 -16.42 -1.51
N GLN A 93 17.63 -17.00 -2.53
CA GLN A 93 16.89 -17.89 -3.41
C GLN A 93 16.68 -19.24 -2.74
N GLY A 94 15.48 -19.76 -2.88
CA GLY A 94 15.16 -21.04 -2.28
C GLY A 94 14.34 -21.87 -3.24
N PRO A 95 13.95 -23.09 -2.84
CA PRO A 95 13.15 -23.98 -3.68
C PRO A 95 11.87 -23.29 -4.13
N CYS A 96 11.55 -23.43 -5.42
CA CYS A 96 10.33 -22.84 -5.95
C CYS A 96 9.11 -23.51 -5.36
N ARG A 97 8.28 -22.74 -4.68
CA ARG A 97 7.07 -23.27 -4.05
C ARG A 97 5.87 -23.17 -4.98
N ALA A 98 4.83 -23.95 -4.68
CA ALA A 98 3.60 -23.91 -5.45
C ALA A 98 2.93 -22.62 -4.98
N ALA A 99 2.36 -21.85 -5.89
CA ALA A 99 1.74 -20.59 -5.49
C ALA A 99 0.40 -20.33 -6.17
N LYS A 100 -0.42 -19.52 -5.50
CA LYS A 100 -1.73 -19.15 -6.01
C LYS A 100 -1.56 -18.08 -7.07
N LYS A 101 -2.46 -18.06 -8.05
CA LYS A 101 -2.39 -17.08 -9.12
C LYS A 101 -3.40 -15.97 -8.84
N VAL A 102 -3.01 -15.04 -7.96
CA VAL A 102 -3.86 -13.94 -7.55
C VAL A 102 -4.01 -12.84 -8.60
N VAL A 103 -2.89 -12.36 -9.14
CA VAL A 103 -2.92 -11.31 -10.13
C VAL A 103 -2.30 -11.78 -11.43
N ARG A 104 -2.89 -11.38 -12.55
CA ARG A 104 -2.39 -11.79 -13.85
C ARG A 104 -2.32 -10.59 -14.80
N ILE A 105 -1.43 -10.67 -15.78
CA ILE A 105 -1.31 -9.62 -16.79
C ILE A 105 -1.42 -10.31 -18.15
N ASP A 106 -1.68 -9.53 -19.20
CA ASP A 106 -1.82 -10.09 -20.53
C ASP A 106 -0.56 -10.01 -21.39
N GLY A 107 0.30 -9.04 -21.11
CA GLY A 107 1.52 -8.90 -21.88
C GLY A 107 2.38 -7.76 -21.38
N TYR A 108 3.27 -7.27 -22.23
CA TYR A 108 4.14 -6.17 -21.87
C TYR A 108 4.63 -5.49 -23.14
N LYS A 109 4.96 -4.21 -23.04
CA LYS A 109 5.41 -3.46 -24.19
C LYS A 109 6.64 -2.61 -23.88
N GLY A 110 7.53 -2.50 -24.86
CA GLY A 110 8.73 -1.70 -24.68
C GLY A 110 8.49 -0.30 -25.20
N VAL A 111 9.14 0.69 -24.59
CA VAL A 111 9.01 2.07 -25.02
C VAL A 111 10.18 2.38 -25.94
N PRO A 112 9.98 3.25 -26.95
CA PRO A 112 11.09 3.59 -27.85
C PRO A 112 12.29 4.05 -27.02
N HIS A 113 13.47 3.53 -27.35
CA HIS A 113 14.69 3.86 -26.63
C HIS A 113 15.17 5.30 -26.77
N CYS A 114 15.71 5.84 -25.67
CA CYS A 114 16.23 7.19 -25.62
C CYS A 114 15.29 8.23 -26.21
N ASN A 115 14.04 8.19 -25.74
CA ASN A 115 13.01 9.11 -26.19
C ASN A 115 12.18 9.44 -24.95
N GLU A 116 12.60 10.46 -24.20
CA GLU A 116 11.87 10.81 -22.98
C GLU A 116 10.46 11.29 -23.21
N ASN A 117 10.17 11.78 -24.41
N ASN A 117 10.17 11.79 -24.41
CA ASN A 117 8.83 12.24 -24.73
CA ASN A 117 8.83 12.24 -24.73
C ASN A 117 7.90 11.04 -24.78
C ASN A 117 7.90 11.03 -24.76
N ALA A 118 8.39 9.94 -25.34
CA ALA A 118 7.61 8.72 -25.43
C ALA A 118 7.51 8.09 -24.04
N LEU A 119 8.58 8.21 -23.27
CA LEU A 119 8.60 7.67 -21.91
C LEU A 119 7.57 8.44 -21.07
N LYS A 120 7.49 9.75 -21.26
CA LYS A 120 6.55 10.57 -20.53
C LYS A 120 5.13 10.09 -20.83
N LYS A 121 4.87 9.82 -22.11
CA LYS A 121 3.57 9.35 -22.55
C LYS A 121 3.22 8.03 -21.87
N ALA A 122 4.18 7.12 -21.78
CA ALA A 122 3.94 5.83 -21.13
C ALA A 122 3.67 5.99 -19.64
N VAL A 123 4.50 6.77 -18.96
CA VAL A 123 4.33 6.98 -17.52
C VAL A 123 2.99 7.63 -17.21
N ALA A 124 2.49 8.47 -18.11
CA ALA A 124 1.20 9.11 -17.90
C ALA A 124 0.08 8.07 -17.86
N SER A 125 0.31 6.92 -18.49
CA SER A 125 -0.69 5.85 -18.51
C SER A 125 -0.52 4.89 -17.34
N GLN A 126 0.74 4.59 -16.99
CA GLN A 126 1.01 3.69 -15.87
C GLN A 126 2.50 3.63 -15.53
N PRO A 127 2.83 3.28 -14.28
CA PRO A 127 4.24 3.19 -13.90
C PRO A 127 4.98 2.25 -14.84
N SER A 128 6.22 2.59 -15.18
CA SER A 128 7.02 1.76 -16.09
C SER A 128 8.39 1.45 -15.51
N VAL A 129 8.92 0.28 -15.84
N VAL A 129 8.92 0.28 -15.84
CA VAL A 129 10.24 -0.10 -15.36
CA VAL A 129 10.23 -0.10 -15.36
C VAL A 129 11.30 0.45 -16.29
C VAL A 129 11.30 0.45 -16.28
N VAL A 130 12.46 0.79 -15.72
CA VAL A 130 13.57 1.33 -16.49
C VAL A 130 14.85 0.85 -15.83
N ALA A 131 15.93 0.80 -16.60
CA ALA A 131 17.21 0.40 -16.07
C ALA A 131 18.08 1.65 -16.04
N ILE A 132 18.96 1.74 -15.04
CA ILE A 132 19.84 2.89 -14.91
C ILE A 132 21.21 2.43 -14.48
N ASP A 133 22.15 3.37 -14.50
CA ASP A 133 23.52 3.12 -14.07
C ASP A 133 23.55 3.66 -12.64
N ALA A 134 23.58 2.76 -11.66
CA ALA A 134 23.59 3.19 -10.25
C ALA A 134 24.96 2.98 -9.59
N SER A 135 26.00 2.87 -10.40
CA SER A 135 27.34 2.63 -9.86
C SER A 135 28.05 3.82 -9.21
N SER A 136 27.63 5.04 -9.54
CA SER A 136 28.29 6.20 -8.96
C SER A 136 28.00 6.32 -7.46
N LYS A 137 28.95 6.88 -6.72
CA LYS A 137 28.81 7.06 -5.28
C LYS A 137 27.73 8.09 -4.98
N GLN A 138 27.62 9.09 -5.83
CA GLN A 138 26.64 10.16 -5.65
C GLN A 138 25.23 9.59 -5.66
N PHE A 139 24.99 8.58 -6.48
CA PHE A 139 23.67 7.97 -6.55
C PHE A 139 23.45 7.06 -5.34
N GLN A 140 24.44 6.24 -5.04
CA GLN A 140 24.35 5.33 -3.91
C GLN A 140 24.16 6.03 -2.57
N HIS A 141 24.63 7.26 -2.47
CA HIS A 141 24.51 8.02 -1.23
C HIS A 141 23.54 9.19 -1.33
N TYR A 142 22.69 9.17 -2.36
CA TYR A 142 21.70 10.21 -2.57
C TYR A 142 20.78 10.31 -1.36
N LYS A 143 20.43 11.53 -0.96
CA LYS A 143 19.57 11.70 0.19
C LYS A 143 18.33 12.54 -0.12
N SER A 144 18.51 13.64 -0.83
CA SER A 144 17.36 14.48 -1.16
C SER A 144 17.65 15.43 -2.30
N GLY A 145 16.60 16.03 -2.84
CA GLY A 145 16.73 16.97 -3.92
C GLY A 145 16.61 16.34 -5.29
N ILE A 146 16.81 17.15 -6.32
CA ILE A 146 16.74 16.67 -7.69
C ILE A 146 18.13 16.22 -8.10
N PHE A 147 18.32 14.91 -8.22
CA PHE A 147 19.60 14.35 -8.60
C PHE A 147 19.91 14.70 -10.05
N SER A 148 21.13 15.16 -10.31
CA SER A 148 21.52 15.54 -11.66
C SER A 148 22.85 14.92 -12.04
N GLY A 149 23.19 13.81 -11.40
CA GLY A 149 24.45 13.14 -11.72
C GLY A 149 25.53 13.45 -10.71
N PRO A 150 26.77 13.03 -10.99
CA PRO A 150 27.16 12.31 -12.20
C PRO A 150 26.81 10.82 -12.19
N CYS A 151 26.77 10.24 -13.38
CA CYS A 151 26.49 8.82 -13.56
C CYS A 151 26.62 8.51 -15.05
N GLY A 152 27.00 7.28 -15.36
CA GLY A 152 27.16 6.88 -16.75
C GLY A 152 25.89 6.28 -17.32
N THR A 153 26.03 5.55 -18.43
CA THR A 153 24.90 4.92 -19.08
C THR A 153 25.03 3.39 -19.15
N LYS A 154 25.89 2.83 -18.29
CA LYS A 154 26.07 1.38 -18.20
C LYS A 154 24.92 0.86 -17.35
N LEU A 155 23.98 0.14 -17.96
CA LEU A 155 22.83 -0.36 -17.22
C LEU A 155 23.19 -1.48 -16.23
N ASN A 156 22.82 -1.30 -14.96
CA ASN A 156 23.14 -2.29 -13.94
C ASN A 156 22.15 -2.34 -12.77
N HIS A 157 21.08 -1.55 -12.85
CA HIS A 157 20.10 -1.53 -11.77
C HIS A 157 18.70 -1.26 -12.33
N GLY A 158 17.69 -1.93 -11.77
CA GLY A 158 16.33 -1.74 -12.24
C GLY A 158 15.47 -0.99 -11.23
N VAL A 159 14.74 0.01 -11.70
CA VAL A 159 13.87 0.80 -10.84
C VAL A 159 12.56 1.07 -11.59
N VAL A 160 11.66 1.82 -10.96
CA VAL A 160 10.37 2.13 -11.56
C VAL A 160 10.08 3.63 -11.56
N ILE A 161 9.56 4.14 -12.67
CA ILE A 161 9.18 5.55 -12.73
C ILE A 161 7.70 5.57 -12.38
N VAL A 162 7.36 6.23 -11.28
CA VAL A 162 5.97 6.30 -10.85
C VAL A 162 5.35 7.67 -11.07
N GLY A 163 6.07 8.56 -11.74
CA GLY A 163 5.52 9.87 -11.98
C GLY A 163 6.54 10.83 -12.55
N TYR A 164 6.10 12.05 -12.78
CA TYR A 164 7.01 13.05 -13.30
C TYR A 164 6.53 14.45 -13.07
N TRP A 165 7.44 15.37 -13.35
CA TRP A 165 7.21 16.79 -13.24
C TRP A 165 7.85 17.33 -14.50
N LYS A 166 7.75 18.63 -14.72
CA LYS A 166 8.34 19.18 -15.92
C LYS A 166 9.85 18.95 -15.99
N ASP A 167 10.52 19.04 -14.85
N ASP A 167 10.52 19.04 -14.85
CA ASP A 167 11.97 18.88 -14.84
CA ASP A 167 11.97 18.88 -14.84
C ASP A 167 12.54 17.60 -14.23
C ASP A 167 12.53 17.59 -14.24
N TYR A 168 11.69 16.67 -13.78
CA TYR A 168 12.20 15.43 -13.23
C TYR A 168 11.27 14.23 -13.22
N TRP A 169 11.88 13.05 -13.10
CA TRP A 169 11.15 11.79 -13.02
C TRP A 169 11.10 11.41 -11.55
N ILE A 170 9.99 10.84 -11.10
CA ILE A 170 9.89 10.39 -9.72
C ILE A 170 10.18 8.89 -9.81
N VAL A 171 11.29 8.47 -9.23
CA VAL A 171 11.72 7.07 -9.31
C VAL A 171 11.64 6.31 -7.99
N ARG A 172 11.03 5.13 -8.05
CA ARG A 172 10.87 4.26 -6.89
C ARG A 172 12.01 3.24 -6.87
N ASN A 173 12.82 3.26 -5.80
CA ASN A 173 13.91 2.30 -5.70
C ASN A 173 13.45 1.20 -4.76
N SER A 174 14.26 0.15 -4.62
CA SER A 174 13.91 -0.96 -3.74
C SER A 174 14.97 -1.18 -2.68
N TRP A 175 15.45 -0.09 -2.08
CA TRP A 175 16.47 -0.16 -1.04
C TRP A 175 15.92 0.32 0.30
N GLY A 176 14.62 0.18 0.49
CA GLY A 176 14.02 0.59 1.75
C GLY A 176 13.73 2.08 1.90
N ARG A 177 13.09 2.44 3.01
N ARG A 177 13.09 2.44 3.01
CA ARG A 177 12.72 3.82 3.32
CA ARG A 177 12.70 3.81 3.32
C ARG A 177 13.86 4.74 3.71
C ARG A 177 13.86 4.74 3.71
N TYR A 178 14.96 4.17 4.19
CA TYR A 178 16.07 4.98 4.63
C TYR A 178 17.08 5.45 3.58
N TRP A 179 16.76 5.22 2.31
CA TRP A 179 17.62 5.67 1.22
C TRP A 179 16.85 6.74 0.47
N GLY A 180 17.53 7.82 0.09
CA GLY A 180 16.87 8.88 -0.65
C GLY A 180 15.70 9.49 0.09
N GLU A 181 14.72 9.99 -0.66
CA GLU A 181 13.55 10.61 -0.08
C GLU A 181 12.49 9.54 0.23
N GLN A 182 12.66 8.92 1.38
CA GLN A 182 11.76 7.85 1.82
C GLN A 182 11.67 6.70 0.81
N GLY A 183 12.82 6.39 0.20
CA GLY A 183 12.86 5.30 -0.76
C GLY A 183 12.80 5.71 -2.21
N TYR A 184 12.56 7.00 -2.45
CA TYR A 184 12.45 7.52 -3.80
C TYR A 184 13.58 8.48 -4.16
N ILE A 185 13.72 8.73 -5.46
CA ILE A 185 14.72 9.67 -5.95
C ILE A 185 14.14 10.44 -7.13
N ARG A 186 14.35 11.74 -7.14
CA ARG A 186 13.88 12.58 -8.23
C ARG A 186 15.07 12.79 -9.16
N MET A 187 14.94 12.31 -10.39
CA MET A 187 16.02 12.43 -11.36
C MET A 187 15.70 13.43 -12.47
N LYS A 188 16.62 14.35 -12.70
CA LYS A 188 16.46 15.40 -13.70
C LYS A 188 16.22 14.81 -15.10
N ARG A 189 15.31 15.44 -15.84
CA ARG A 189 15.01 15.02 -17.20
C ARG A 189 15.96 15.82 -18.08
N VAL A 190 16.93 15.14 -18.68
CA VAL A 190 17.92 15.80 -19.52
C VAL A 190 17.87 15.46 -21.01
N GLY A 191 16.91 14.63 -21.40
CA GLY A 191 16.80 14.25 -22.80
C GLY A 191 17.84 13.24 -23.23
N GLY A 192 17.91 12.97 -24.54
CA GLY A 192 18.87 11.99 -25.03
C GLY A 192 18.50 10.64 -24.42
N CYS A 193 19.49 9.87 -23.98
CA CYS A 193 19.18 8.57 -23.37
C CYS A 193 18.83 8.71 -21.89
N GLY A 194 18.71 9.95 -21.43
CA GLY A 194 18.34 10.21 -20.04
C GLY A 194 19.46 10.13 -19.02
N LEU A 195 19.22 10.75 -17.87
CA LEU A 195 20.19 10.77 -16.78
C LEU A 195 20.46 9.34 -16.32
N CYS A 196 21.74 8.99 -16.22
CA CYS A 196 22.14 7.65 -15.81
C CYS A 196 21.56 6.63 -16.79
N GLY A 197 21.21 7.08 -18.00
CA GLY A 197 20.65 6.20 -19.01
C GLY A 197 19.25 5.70 -18.72
N ILE A 198 18.49 6.44 -17.94
CA ILE A 198 17.14 6.04 -17.57
C ILE A 198 16.17 5.82 -18.73
N ALA A 199 16.42 6.45 -19.87
CA ALA A 199 15.51 6.28 -21.01
C ALA A 199 15.97 5.21 -22.00
N ARG A 200 17.03 4.48 -21.65
CA ARG A 200 17.56 3.45 -22.53
C ARG A 200 16.73 2.17 -22.73
N LEU A 201 16.06 1.72 -21.68
CA LEU A 201 15.32 0.46 -21.79
C LEU A 201 14.06 0.40 -20.91
N PRO A 202 13.00 1.10 -21.31
CA PRO A 202 11.74 1.12 -20.56
C PRO A 202 10.72 0.09 -21.05
N TYR A 203 9.95 -0.46 -20.11
CA TYR A 203 8.90 -1.42 -20.40
C TYR A 203 7.77 -1.22 -19.41
N TYR A 204 6.58 -1.68 -19.78
CA TYR A 204 5.43 -1.60 -18.89
C TYR A 204 4.54 -2.78 -19.21
N PRO A 205 3.83 -3.31 -18.21
CA PRO A 205 2.94 -4.46 -18.42
C PRO A 205 1.61 -4.00 -18.99
N THR A 206 0.91 -4.92 -19.65
CA THR A 206 -0.39 -4.61 -20.23
C THR A 206 -1.44 -5.53 -19.62
N LYS A 207 -2.67 -5.04 -19.53
CA LYS A 207 -3.78 -5.81 -18.97
C LYS A 207 -5.08 -5.26 -19.51
N ALA A 208 -5.79 -6.07 -20.28
CA ALA A 208 -7.07 -5.67 -20.88
C ALA A 208 -8.09 -5.32 -19.81
N LEU B 1 -17.00 20.86 1.64
CA LEU B 1 -17.34 19.45 1.98
C LEU B 1 -17.73 18.72 0.69
N PRO B 2 -16.81 17.89 0.16
CA PRO B 2 -17.03 17.12 -1.06
C PRO B 2 -18.27 16.26 -1.03
N GLU B 3 -18.85 16.04 -2.21
CA GLU B 3 -20.04 15.20 -2.32
C GLU B 3 -19.61 13.73 -2.25
N GLN B 4 -18.32 13.50 -2.50
CA GLN B 4 -17.78 12.15 -2.47
C GLN B 4 -16.29 12.21 -2.22
N ILE B 5 -15.76 11.14 -1.62
CA ILE B 5 -14.34 11.06 -1.35
C ILE B 5 -14.01 9.60 -1.09
N ASP B 6 -12.84 9.19 -1.56
CA ASP B 6 -12.38 7.82 -1.41
C ASP B 6 -10.89 7.94 -1.15
N TRP B 7 -10.49 7.79 0.11
CA TRP B 7 -9.09 7.91 0.46
C TRP B 7 -8.18 6.88 -0.20
N ARG B 8 -8.76 5.79 -0.68
CA ARG B 8 -7.97 4.76 -1.36
C ARG B 8 -7.43 5.36 -2.66
N LYS B 9 -8.23 6.21 -3.30
CA LYS B 9 -7.85 6.86 -4.55
C LYS B 9 -6.87 8.01 -4.37
N LYS B 10 -6.57 8.34 -3.11
CA LYS B 10 -5.64 9.43 -2.83
C LYS B 10 -4.32 8.93 -2.26
N GLY B 11 -4.15 7.60 -2.26
CA GLY B 11 -2.92 7.00 -1.77
C GLY B 11 -2.68 6.98 -0.28
N ALA B 12 -3.76 7.08 0.50
CA ALA B 12 -3.65 7.09 1.95
C ALA B 12 -4.02 5.77 2.62
N VAL B 13 -4.36 4.75 1.84
CA VAL B 13 -4.75 3.46 2.40
C VAL B 13 -3.89 2.30 1.91
N THR B 14 -3.41 1.48 2.84
CA THR B 14 -2.57 0.33 2.50
C THR B 14 -3.44 -0.83 2.04
N PRO B 15 -2.85 -1.84 1.41
CA PRO B 15 -3.63 -3.00 0.95
C PRO B 15 -4.38 -3.63 2.13
N VAL B 16 -5.51 -4.27 1.83
CA VAL B 16 -6.33 -4.91 2.85
C VAL B 16 -5.56 -5.97 3.63
N LYS B 17 -5.82 -6.05 4.94
CA LYS B 17 -5.16 -7.01 5.81
C LYS B 17 -6.14 -8.04 6.36
N ASN B 18 -5.63 -9.05 7.05
CA ASN B 18 -6.47 -10.13 7.58
C ASN B 18 -6.09 -10.43 9.03
N GLN B 19 -7.01 -10.23 9.96
CA GLN B 19 -6.74 -10.46 11.37
C GLN B 19 -6.73 -11.95 11.73
N GLY B 20 -7.19 -12.80 10.82
CA GLY B 20 -7.20 -14.23 11.08
C GLY B 20 -8.10 -14.63 12.24
N LYS B 21 -7.76 -15.73 12.90
CA LYS B 21 -8.53 -16.21 14.04
C LYS B 21 -8.05 -15.58 15.34
N CYS B 22 -8.05 -14.25 15.37
CA CYS B 22 -7.62 -13.51 16.54
C CYS B 22 -8.51 -12.30 16.64
N GLY B 23 -9.06 -12.10 17.83
CA GLY B 23 -9.94 -10.97 18.05
C GLY B 23 -9.22 -9.65 18.15
N SER B 24 -8.55 -9.25 17.08
CA SER B 24 -7.78 -8.01 17.07
C SER B 24 -8.29 -6.87 16.16
N CYS B 25 -9.57 -6.88 15.78
CA CYS B 25 -10.06 -5.81 14.91
C CYS B 25 -9.87 -4.45 15.51
N TRP B 26 -9.85 -4.37 16.84
CA TRP B 26 -9.64 -3.10 17.51
C TRP B 26 -8.27 -2.53 17.16
N ALA B 27 -7.32 -3.43 16.92
CA ALA B 27 -5.96 -3.03 16.56
C ALA B 27 -5.86 -2.73 15.06
N PHE B 28 -6.48 -3.58 14.23
CA PHE B 28 -6.42 -3.34 12.79
C PHE B 28 -7.10 -2.04 12.39
N SER B 29 -8.24 -1.77 13.00
N SER B 29 -8.24 -1.77 13.00
CA SER B 29 -8.99 -0.55 12.69
CA SER B 29 -8.99 -0.55 12.69
C SER B 29 -8.21 0.72 13.06
C SER B 29 -8.22 0.72 13.07
N THR B 30 -7.79 0.81 14.32
CA THR B 30 -7.04 1.98 14.76
C THR B 30 -5.72 2.17 14.02
N VAL B 31 -4.98 1.09 13.81
CA VAL B 31 -3.71 1.20 13.09
C VAL B 31 -3.92 1.72 11.67
N SER B 32 -4.97 1.24 11.01
CA SER B 32 -5.26 1.68 9.66
C SER B 32 -5.44 3.20 9.61
N THR B 33 -6.11 3.78 10.61
CA THR B 33 -6.29 5.23 10.61
C THR B 33 -4.98 5.96 10.87
N VAL B 34 -4.07 5.31 11.60
CA VAL B 34 -2.78 5.92 11.89
C VAL B 34 -1.92 5.93 10.63
N GLU B 35 -1.99 4.85 9.85
CA GLU B 35 -1.24 4.77 8.60
C GLU B 35 -1.72 5.89 7.67
N SER B 36 -3.04 6.07 7.61
CA SER B 36 -3.64 7.08 6.75
C SER B 36 -3.32 8.53 7.16
N ILE B 37 -3.49 8.86 8.44
CA ILE B 37 -3.21 10.23 8.85
C ILE B 37 -1.74 10.55 8.64
N ASN B 38 -0.87 9.54 8.78
CA ASN B 38 0.55 9.77 8.57
C ASN B 38 0.83 10.10 7.10
N GLN B 39 0.15 9.40 6.19
CA GLN B 39 0.35 9.65 4.77
C GLN B 39 -0.21 11.01 4.38
N ILE B 40 -1.37 11.37 4.95
CA ILE B 40 -2.00 12.65 4.67
C ILE B 40 -1.11 13.81 5.13
N ARG B 41 -0.47 13.65 6.28
CA ARG B 41 0.40 14.68 6.83
C ARG B 41 1.82 14.71 6.26
N THR B 42 2.39 13.54 5.98
CA THR B 42 3.76 13.47 5.50
C THR B 42 3.95 13.04 4.05
N GLY B 43 2.92 12.46 3.45
CA GLY B 43 3.04 12.01 2.07
C GLY B 43 3.64 10.61 1.96
N ASN B 44 4.00 10.02 3.10
CA ASN B 44 4.59 8.69 3.11
C ASN B 44 3.59 7.61 3.55
N LEU B 45 3.42 6.57 2.74
CA LEU B 45 2.51 5.47 3.07
C LEU B 45 3.33 4.32 3.64
N ILE B 46 3.06 3.97 4.90
CA ILE B 46 3.79 2.91 5.60
C ILE B 46 2.83 1.94 6.28
N SER B 47 3.06 0.64 6.13
CA SER B 47 2.20 -0.35 6.78
C SER B 47 2.74 -0.52 8.20
N LEU B 48 1.87 -0.31 9.19
CA LEU B 48 2.27 -0.37 10.59
C LEU B 48 1.86 -1.66 11.31
N SER B 49 2.46 -1.87 12.48
CA SER B 49 2.26 -3.09 13.27
C SER B 49 1.04 -3.24 14.18
N GLU B 50 0.13 -4.14 13.82
CA GLU B 50 -1.03 -4.42 14.66
C GLU B 50 -0.55 -5.31 15.82
N GLN B 51 0.46 -6.14 15.54
CA GLN B 51 0.98 -7.07 16.54
C GLN B 51 1.57 -6.33 17.75
N GLN B 52 2.17 -5.17 17.51
CA GLN B 52 2.74 -4.42 18.62
C GLN B 52 1.66 -4.06 19.63
N LEU B 53 0.47 -3.69 19.14
CA LEU B 53 -0.62 -3.32 20.04
C LEU B 53 -1.14 -4.56 20.75
N VAL B 54 -1.29 -5.64 20.00
CA VAL B 54 -1.79 -6.89 20.56
C VAL B 54 -0.91 -7.36 21.72
N ASP B 55 0.41 -7.25 21.55
CA ASP B 55 1.34 -7.69 22.59
C ASP B 55 1.59 -6.67 23.70
N CYS B 56 1.67 -5.40 23.34
CA CYS B 56 2.01 -4.34 24.29
C CYS B 56 0.91 -3.45 24.87
N ASN B 57 -0.23 -3.35 24.17
CA ASN B 57 -1.32 -2.51 24.63
C ASN B 57 -2.04 -3.24 25.76
N LYS B 58 -1.41 -3.27 26.94
CA LYS B 58 -1.93 -3.96 28.11
C LYS B 58 -3.33 -3.58 28.59
N LYS B 59 -3.74 -2.34 28.35
CA LYS B 59 -5.08 -1.95 28.78
C LYS B 59 -6.12 -2.72 27.99
N ASN B 60 -5.74 -3.19 26.80
CA ASN B 60 -6.66 -3.97 25.99
C ASN B 60 -6.40 -5.47 26.21
N HIS B 61 -7.14 -6.33 25.54
CA HIS B 61 -6.98 -7.76 25.77
C HIS B 61 -6.55 -8.67 24.61
N GLY B 62 -5.45 -8.32 23.94
CA GLY B 62 -4.95 -9.13 22.85
C GLY B 62 -6.01 -9.64 21.88
N CYS B 63 -6.07 -10.95 21.71
CA CYS B 63 -7.03 -11.56 20.78
C CYS B 63 -8.44 -11.71 21.37
N LYS B 64 -8.66 -11.19 22.57
CA LYS B 64 -9.98 -11.30 23.19
C LYS B 64 -10.78 -10.01 23.09
N GLY B 65 -10.22 -9.00 22.43
CA GLY B 65 -10.94 -7.74 22.28
C GLY B 65 -10.22 -6.54 22.86
N GLY B 66 -10.76 -5.35 22.58
CA GLY B 66 -10.16 -4.13 23.06
C GLY B 66 -10.99 -2.93 22.65
N ALA B 67 -10.62 -1.75 23.14
CA ALA B 67 -11.33 -0.52 22.82
C ALA B 67 -10.46 0.46 22.05
N PHE B 68 -11.08 1.24 21.16
CA PHE B 68 -10.38 2.22 20.34
C PHE B 68 -9.54 3.21 21.14
N VAL B 69 -10.16 3.83 22.12
CA VAL B 69 -9.49 4.83 22.94
C VAL B 69 -8.19 4.36 23.58
N TYR B 70 -8.19 3.14 24.12
CA TYR B 70 -6.99 2.61 24.75
C TYR B 70 -5.89 2.31 23.73
N ALA B 71 -6.29 1.99 22.50
CA ALA B 71 -5.32 1.69 21.45
C ALA B 71 -4.62 2.99 21.04
N TYR B 72 -5.39 4.05 20.82
CA TYR B 72 -4.81 5.33 20.45
C TYR B 72 -3.93 5.87 21.59
N GLN B 73 -4.42 5.76 22.82
CA GLN B 73 -3.66 6.26 23.96
C GLN B 73 -2.31 5.55 24.09
N TYR B 74 -2.29 4.24 23.83
CA TYR B 74 -1.05 3.49 23.91
C TYR B 74 -0.03 4.02 22.91
N ILE B 75 -0.46 4.25 21.68
CA ILE B 75 0.46 4.75 20.66
C ILE B 75 1.03 6.10 21.07
N ILE B 76 0.18 6.95 21.66
CA ILE B 76 0.60 8.27 22.10
C ILE B 76 1.57 8.15 23.30
N ASP B 77 1.17 7.38 24.31
CA ASP B 77 2.01 7.19 25.49
C ASP B 77 3.36 6.59 25.16
N ASN B 78 3.35 5.59 24.27
CA ASN B 78 4.56 4.91 23.86
C ASN B 78 5.50 5.76 23.01
N GLY B 79 4.96 6.83 22.44
CA GLY B 79 5.77 7.71 21.61
C GLY B 79 5.89 7.24 20.16
N GLY B 80 5.04 6.31 19.75
CA GLY B 80 5.10 5.84 18.38
C GLY B 80 4.83 4.36 18.19
N ILE B 81 4.76 3.95 16.93
CA ILE B 81 4.48 2.57 16.58
C ILE B 81 5.46 2.12 15.51
N ASP B 82 5.77 0.82 15.48
CA ASP B 82 6.72 0.25 14.53
C ASP B 82 6.01 -0.20 13.26
N THR B 83 6.78 -0.64 12.27
CA THR B 83 6.23 -1.10 11.00
C THR B 83 5.82 -2.56 11.01
N GLU B 84 4.97 -2.92 10.05
CA GLU B 84 4.47 -4.28 9.90
C GLU B 84 5.67 -5.21 9.64
N ALA B 85 6.63 -4.73 8.86
CA ALA B 85 7.81 -5.51 8.52
C ALA B 85 8.71 -5.80 9.73
N ASN B 86 8.86 -4.81 10.60
CA ASN B 86 9.70 -4.95 11.79
C ASN B 86 9.07 -5.75 12.91
N TYR B 87 7.75 -5.69 13.01
CA TYR B 87 7.02 -6.38 14.06
C TYR B 87 5.82 -7.03 13.38
N PRO B 88 6.05 -8.15 12.68
CA PRO B 88 5.02 -8.89 11.95
C PRO B 88 3.86 -9.47 12.75
N TYR B 89 2.73 -9.63 12.08
CA TYR B 89 1.51 -10.16 12.71
C TYR B 89 1.51 -11.68 12.78
N LYS B 90 1.22 -12.20 13.97
CA LYS B 90 1.21 -13.64 14.22
C LYS B 90 -0.19 -14.19 14.48
N ALA B 91 -1.14 -13.31 14.76
CA ALA B 91 -2.52 -13.71 15.06
C ALA B 91 -2.64 -14.43 16.40
N VAL B 92 -1.66 -14.20 17.27
CA VAL B 92 -1.65 -14.78 18.61
C VAL B 92 -0.89 -13.79 19.47
N GLN B 93 -1.30 -13.62 20.72
CA GLN B 93 -0.61 -12.69 21.59
C GLN B 93 0.68 -13.31 22.13
N GLY B 94 1.74 -12.52 22.13
CA GLY B 94 3.01 -12.99 22.63
C GLY B 94 3.67 -11.92 23.49
N PRO B 95 4.91 -12.14 23.94
CA PRO B 95 5.62 -11.16 24.78
C PRO B 95 5.81 -9.84 24.06
N CYS B 96 5.62 -8.73 24.77
CA CYS B 96 5.80 -7.42 24.17
C CYS B 96 7.28 -7.19 23.85
N ARG B 97 7.60 -7.01 22.57
CA ARG B 97 8.98 -6.79 22.15
C ARG B 97 9.33 -5.31 22.08
N ALA B 98 10.62 -5.02 22.14
CA ALA B 98 11.09 -3.65 22.02
C ALA B 98 10.82 -3.31 20.56
N ALA B 99 10.33 -2.11 20.31
CA ALA B 99 10.02 -1.72 18.93
C ALA B 99 10.47 -0.31 18.63
N LYS B 100 10.74 -0.03 17.36
CA LYS B 100 11.17 1.29 16.95
C LYS B 100 9.94 2.19 16.81
N LYS B 101 10.11 3.47 17.11
CA LYS B 101 9.02 4.43 17.00
C LYS B 101 9.12 5.10 15.64
N VAL B 102 8.54 4.45 14.64
CA VAL B 102 8.57 4.93 13.27
C VAL B 102 7.54 6.03 12.99
N VAL B 103 6.30 5.79 13.38
CA VAL B 103 5.23 6.78 13.16
C VAL B 103 4.62 7.22 14.49
N ARG B 104 4.34 8.51 14.63
CA ARG B 104 3.73 9.03 15.85
C ARG B 104 2.48 9.82 15.53
N ILE B 105 1.60 9.90 16.52
CA ILE B 105 0.39 10.71 16.39
C ILE B 105 0.40 11.60 17.63
N ASP B 106 -0.41 12.65 17.65
CA ASP B 106 -0.42 13.56 18.78
C ASP B 106 -1.64 13.46 19.68
N GLY B 107 -2.72 12.91 19.15
CA GLY B 107 -3.92 12.78 19.94
C GLY B 107 -4.99 12.05 19.16
N TYR B 108 -6.24 12.15 19.63
CA TYR B 108 -7.36 11.53 18.95
C TYR B 108 -8.61 12.27 19.37
N LYS B 109 -9.64 12.23 18.53
CA LYS B 109 -10.89 12.91 18.85
C LYS B 109 -12.10 12.04 18.52
N GLY B 110 -13.17 12.24 19.28
CA GLY B 110 -14.38 11.50 19.05
C GLY B 110 -15.30 12.35 18.20
N VAL B 111 -16.17 11.70 17.45
CA VAL B 111 -17.14 12.40 16.61
C VAL B 111 -18.47 12.31 17.34
N PRO B 112 -19.30 13.37 17.24
CA PRO B 112 -20.60 13.33 17.93
C PRO B 112 -21.33 12.06 17.56
N HIS B 113 -21.95 11.42 18.56
CA HIS B 113 -22.66 10.16 18.34
C HIS B 113 -23.97 10.26 17.56
N CYS B 114 -24.19 9.26 16.71
CA CYS B 114 -25.40 9.17 15.90
C CYS B 114 -25.70 10.47 15.16
N ASN B 115 -24.69 10.95 14.44
CA ASN B 115 -24.80 12.18 13.67
C ASN B 115 -23.98 11.94 12.40
N GLU B 116 -24.60 11.32 11.39
CA GLU B 116 -23.87 11.01 10.16
C GLU B 116 -23.36 12.23 9.39
N ASN B 117 -23.93 13.40 9.63
CA ASN B 117 -23.43 14.59 8.95
C ASN B 117 -22.10 15.01 9.58
N ALA B 118 -21.97 14.82 10.87
CA ALA B 118 -20.72 15.16 11.55
C ALA B 118 -19.69 14.10 11.16
N LEU B 119 -20.16 12.87 10.97
CA LEU B 119 -19.28 11.78 10.58
C LEU B 119 -18.77 11.99 9.16
N LYS B 120 -19.65 12.47 8.28
CA LYS B 120 -19.28 12.77 6.90
C LYS B 120 -18.17 13.83 6.91
N LYS B 121 -18.31 14.81 7.78
CA LYS B 121 -17.33 15.89 7.91
C LYS B 121 -15.97 15.38 8.37
N ALA B 122 -15.97 14.42 9.30
CA ALA B 122 -14.71 13.86 9.78
C ALA B 122 -14.04 13.04 8.68
N VAL B 123 -14.82 12.19 8.02
CA VAL B 123 -14.28 11.34 6.96
C VAL B 123 -13.70 12.17 5.81
N ALA B 124 -14.27 13.36 5.59
CA ALA B 124 -13.78 14.22 4.53
C ALA B 124 -12.37 14.68 4.85
N SER B 125 -12.01 14.64 6.13
CA SER B 125 -10.67 15.04 6.56
C SER B 125 -9.69 13.88 6.65
N GLN B 126 -10.16 12.73 7.11
CA GLN B 126 -9.31 11.54 7.23
C GLN B 126 -10.11 10.31 7.62
N PRO B 127 -9.63 9.11 7.25
CA PRO B 127 -10.34 7.87 7.60
C PRO B 127 -10.57 7.84 9.10
N SER B 128 -11.74 7.36 9.52
CA SER B 128 -12.08 7.30 10.93
C SER B 128 -12.53 5.90 11.32
N VAL B 129 -12.29 5.54 12.58
N VAL B 129 -12.28 5.53 12.58
CA VAL B 129 -12.70 4.23 13.06
CA VAL B 129 -12.70 4.23 13.06
C VAL B 129 -14.12 4.30 13.59
C VAL B 129 -14.12 4.30 13.59
N VAL B 130 -14.84 3.18 13.47
CA VAL B 130 -16.22 3.09 13.93
C VAL B 130 -16.46 1.66 14.37
N ALA B 131 -17.44 1.46 15.23
CA ALA B 131 -17.80 0.13 15.69
C ALA B 131 -19.17 -0.16 15.11
N ILE B 132 -19.42 -1.40 14.73
CA ILE B 132 -20.70 -1.80 14.18
C ILE B 132 -21.13 -3.14 14.77
N ASP B 133 -22.37 -3.53 14.46
CA ASP B 133 -22.92 -4.81 14.88
C ASP B 133 -22.75 -5.69 13.65
N ALA B 134 -21.80 -6.63 13.72
CA ALA B 134 -21.56 -7.52 12.59
C ALA B 134 -22.00 -8.96 12.89
N SER B 135 -22.94 -9.10 13.81
CA SER B 135 -23.44 -10.42 14.20
C SER B 135 -24.41 -11.09 13.24
N SER B 136 -25.02 -10.33 12.34
CA SER B 136 -25.98 -10.90 11.40
C SER B 136 -25.31 -11.76 10.35
N LYS B 137 -26.00 -12.83 9.94
CA LYS B 137 -25.47 -13.72 8.91
C LYS B 137 -25.37 -12.98 7.58
N GLN B 138 -26.26 -12.02 7.38
CA GLN B 138 -26.27 -11.24 6.15
C GLN B 138 -25.01 -10.39 5.99
N PHE B 139 -24.53 -9.84 7.10
CA PHE B 139 -23.31 -9.04 7.07
C PHE B 139 -22.12 -9.97 6.88
N GLN B 140 -22.07 -11.04 7.65
CA GLN B 140 -20.98 -11.99 7.57
C GLN B 140 -20.81 -12.64 6.20
N HIS B 141 -21.91 -12.78 5.45
CA HIS B 141 -21.85 -13.39 4.14
C HIS B 141 -21.94 -12.38 3.00
N TYR B 142 -21.75 -11.11 3.32
CA TYR B 142 -21.81 -10.06 2.31
C TYR B 142 -20.79 -10.32 1.21
N LYS B 143 -21.18 -10.07 -0.04
CA LYS B 143 -20.28 -10.28 -1.17
C LYS B 143 -20.17 -9.04 -2.05
N SER B 144 -21.28 -8.39 -2.34
CA SER B 144 -21.24 -7.19 -3.16
C SER B 144 -22.52 -6.37 -3.09
N GLY B 145 -22.46 -5.15 -3.61
CA GLY B 145 -23.62 -4.28 -3.60
C GLY B 145 -23.63 -3.35 -2.39
N ILE B 146 -24.69 -2.56 -2.30
CA ILE B 146 -24.84 -1.61 -1.20
C ILE B 146 -25.64 -2.27 -0.08
N PHE B 147 -24.94 -2.70 0.97
CA PHE B 147 -25.57 -3.36 2.11
C PHE B 147 -26.57 -2.42 2.80
N SER B 148 -27.78 -2.90 3.02
CA SER B 148 -28.81 -2.09 3.66
C SER B 148 -29.45 -2.81 4.83
N GLY B 149 -28.76 -3.83 5.35
CA GLY B 149 -29.29 -4.57 6.47
C GLY B 149 -29.64 -5.99 6.10
N PRO B 150 -30.19 -6.77 7.04
CA PRO B 150 -30.50 -6.36 8.41
C PRO B 150 -29.32 -6.51 9.38
N CYS B 151 -29.40 -5.78 10.48
CA CYS B 151 -28.38 -5.81 11.52
C CYS B 151 -28.84 -4.94 12.69
N GLY B 152 -28.41 -5.29 13.89
CA GLY B 152 -28.81 -4.52 15.06
C GLY B 152 -27.83 -3.39 15.35
N THR B 153 -27.90 -2.84 16.56
CA THR B 153 -27.01 -1.77 16.95
C THR B 153 -26.14 -2.14 18.15
N LYS B 154 -25.95 -3.44 18.37
CA LYS B 154 -25.08 -3.89 19.45
C LYS B 154 -23.67 -3.89 18.90
N LEU B 155 -22.81 -3.02 19.42
CA LEU B 155 -21.44 -2.91 18.94
C LEU B 155 -20.56 -4.09 19.33
N ASN B 156 -19.98 -4.75 18.32
CA ASN B 156 -19.12 -5.89 18.58
C ASN B 156 -17.98 -6.06 17.57
N HIS B 157 -17.83 -5.11 16.66
CA HIS B 157 -16.78 -5.23 15.64
C HIS B 157 -16.27 -3.84 15.23
N GLY B 158 -14.96 -3.72 15.07
CA GLY B 158 -14.39 -2.44 14.68
C GLY B 158 -13.92 -2.44 13.23
N VAL B 159 -14.23 -1.36 12.52
CA VAL B 159 -13.84 -1.22 11.11
C VAL B 159 -13.46 0.23 10.85
N VAL B 160 -13.14 0.55 9.60
CA VAL B 160 -12.73 1.90 9.23
C VAL B 160 -13.51 2.44 8.05
N ILE B 161 -13.96 3.69 8.15
CA ILE B 161 -14.66 4.30 7.02
C ILE B 161 -13.55 5.05 6.26
N VAL B 162 -13.32 4.65 5.02
CA VAL B 162 -12.28 5.29 4.21
C VAL B 162 -12.88 6.23 3.16
N GLY B 163 -14.20 6.41 3.20
CA GLY B 163 -14.81 7.30 2.23
C GLY B 163 -16.32 7.20 2.18
N TYR B 164 -16.91 8.00 1.29
CA TYR B 164 -18.34 8.01 1.08
C TYR B 164 -18.60 8.46 -0.36
N TRP B 165 -19.64 7.90 -0.97
CA TRP B 165 -19.95 8.20 -2.36
C TRP B 165 -21.42 7.90 -2.53
N LYS B 166 -22.10 8.78 -3.27
CA LYS B 166 -23.52 8.61 -3.50
C LYS B 166 -24.27 8.56 -2.17
N ASP B 167 -24.88 7.42 -1.88
CA ASP B 167 -25.66 7.24 -0.68
C ASP B 167 -25.08 6.20 0.29
N TYR B 168 -23.78 5.99 0.26
CA TYR B 168 -23.19 4.99 1.14
C TYR B 168 -21.82 5.36 1.71
N TRP B 169 -21.38 4.55 2.66
CA TRP B 169 -20.07 4.69 3.30
C TRP B 169 -19.21 3.58 2.70
N ILE B 170 -17.93 3.85 2.49
CA ILE B 170 -17.02 2.83 1.99
C ILE B 170 -16.30 2.37 3.27
N VAL B 171 -16.51 1.12 3.65
CA VAL B 171 -15.96 0.58 4.89
C VAL B 171 -14.90 -0.51 4.69
N ARG B 172 -13.75 -0.31 5.34
CA ARG B 172 -12.64 -1.24 5.28
C ARG B 172 -12.69 -2.25 6.43
N ASN B 173 -12.76 -3.53 6.09
CA ASN B 173 -12.79 -4.57 7.13
C ASN B 173 -11.41 -5.20 7.18
N SER B 174 -11.19 -6.04 8.18
CA SER B 174 -9.91 -6.71 8.35
C SER B 174 -10.04 -8.22 8.30
N TRP B 175 -10.85 -8.71 7.36
CA TRP B 175 -11.06 -10.15 7.19
C TRP B 175 -10.48 -10.66 5.88
N GLY B 176 -9.50 -9.96 5.35
CA GLY B 176 -8.88 -10.38 4.10
C GLY B 176 -9.64 -9.93 2.86
N ARG B 177 -9.09 -10.21 1.69
N ARG B 177 -9.09 -10.21 1.69
CA ARG B 177 -9.70 -9.82 0.43
CA ARG B 177 -9.70 -9.81 0.42
C ARG B 177 -10.84 -10.72 -0.06
C ARG B 177 -10.83 -10.72 -0.07
N TYR B 178 -10.99 -11.90 0.53
CA TYR B 178 -12.03 -12.81 0.09
C TYR B 178 -13.39 -12.60 0.73
N TRP B 179 -13.52 -11.50 1.46
CA TRP B 179 -14.78 -11.14 2.10
C TRP B 179 -15.24 -9.85 1.43
N GLY B 180 -16.54 -9.77 1.14
CA GLY B 180 -17.07 -8.58 0.50
C GLY B 180 -16.42 -8.19 -0.80
N GLU B 181 -16.37 -6.89 -1.07
CA GLU B 181 -15.77 -6.39 -2.30
C GLU B 181 -14.27 -6.20 -2.10
N GLN B 182 -13.54 -7.31 -2.22
CA GLN B 182 -12.09 -7.35 -2.02
C GLN B 182 -11.70 -6.77 -0.66
N GLY B 183 -12.49 -7.11 0.36
CA GLY B 183 -12.19 -6.64 1.71
C GLY B 183 -13.00 -5.46 2.21
N TYR B 184 -13.76 -4.83 1.32
CA TYR B 184 -14.56 -3.67 1.69
C TYR B 184 -16.05 -3.94 1.61
N ILE B 185 -16.83 -3.06 2.21
CA ILE B 185 -18.28 -3.17 2.15
C ILE B 185 -18.85 -1.77 2.03
N ARG B 186 -19.83 -1.62 1.14
CA ARG B 186 -20.48 -0.34 0.98
C ARG B 186 -21.75 -0.43 1.82
N MET B 187 -21.86 0.47 2.80
CA MET B 187 -22.99 0.49 3.72
C MET B 187 -23.81 1.75 3.53
N LYS B 188 -25.10 1.55 3.31
CA LYS B 188 -26.02 2.66 3.09
C LYS B 188 -26.06 3.64 4.25
N ARG B 189 -26.18 4.92 3.93
CA ARG B 189 -26.27 5.98 4.94
C ARG B 189 -27.77 6.16 5.20
N VAL B 190 -28.21 5.72 6.38
CA VAL B 190 -29.64 5.79 6.73
C VAL B 190 -29.99 6.78 7.86
N GLY B 191 -29.01 7.53 8.35
CA GLY B 191 -29.28 8.48 9.41
C GLY B 191 -29.43 7.86 10.79
N GLY B 192 -29.84 8.67 11.76
CA GLY B 192 -30.00 8.16 13.11
C GLY B 192 -28.65 7.67 13.60
N CYS B 193 -28.60 6.52 14.24
CA CYS B 193 -27.34 5.98 14.72
C CYS B 193 -26.62 5.17 13.66
N GLY B 194 -27.12 5.22 12.43
CA GLY B 194 -26.49 4.53 11.32
C GLY B 194 -26.79 3.05 11.18
N LEU B 195 -26.57 2.54 9.97
CA LEU B 195 -26.81 1.14 9.67
C LEU B 195 -25.86 0.29 10.52
N CYS B 196 -26.40 -0.70 11.21
CA CYS B 196 -25.63 -1.58 12.09
C CYS B 196 -24.94 -0.78 13.20
N GLY B 197 -25.48 0.41 13.47
CA GLY B 197 -24.94 1.28 14.52
C GLY B 197 -23.61 1.93 14.17
N ILE B 198 -23.32 2.03 12.87
CA ILE B 198 -22.05 2.59 12.42
C ILE B 198 -21.75 4.01 12.90
N ALA B 199 -22.78 4.80 13.21
CA ALA B 199 -22.55 6.18 13.65
C ALA B 199 -22.50 6.34 15.16
N ARG B 200 -22.64 5.24 15.89
CA ARG B 200 -22.63 5.28 17.35
C ARG B 200 -21.33 5.68 18.05
N LEU B 201 -20.19 5.21 17.55
CA LEU B 201 -18.92 5.52 18.25
C LEU B 201 -17.72 5.74 17.32
N PRO B 202 -17.65 6.90 16.66
CA PRO B 202 -16.54 7.21 15.74
C PRO B 202 -15.40 7.98 16.40
N TYR B 203 -14.18 7.70 15.95
CA TYR B 203 -12.97 8.36 16.46
C TYR B 203 -11.97 8.50 15.32
N TYR B 204 -11.07 9.46 15.45
CA TYR B 204 -10.01 9.63 14.46
C TYR B 204 -8.78 10.17 15.16
N PRO B 205 -7.60 9.82 14.63
CA PRO B 205 -6.36 10.29 15.25
C PRO B 205 -6.00 11.69 14.75
N THR B 206 -5.20 12.41 15.52
CA THR B 206 -4.77 13.74 15.11
C THR B 206 -3.25 13.74 15.09
N LYS B 207 -2.67 14.57 14.23
CA LYS B 207 -1.23 14.66 14.09
C LYS B 207 -0.87 16.06 13.63
N ALA B 208 0.09 16.68 14.31
CA ALA B 208 0.52 18.03 13.96
C ALA B 208 1.28 18.01 12.65
#